data_3VA9
#
_entry.id   3VA9
#
_cell.length_a   76.147
_cell.length_b   76.147
_cell.length_c   109.155
_cell.angle_alpha   90.00
_cell.angle_beta   90.00
_cell.angle_gamma   90.00
#
_symmetry.space_group_name_H-M   'I 41 2 2'
#
loop_
_entity.id
_entity.type
_entity.pdbx_description
1 polymer 'Sensor histidine kinase'
2 non-polymer 'CHLORIDE ION'
3 water water
#
_entity_poly.entity_id   1
_entity_poly.type   'polypeptide(L)'
_entity_poly.pdbx_seq_one_letter_code
;MENLVRLRDSFAWVQQTNKALLAISAIQQAVLEAETSERGFLLTGIETYRDSYIRARDALAARLDGLRAVLADNPEQIAH
IDELRLLTDMRMAQLGRVVELGPERMREALDILEQARVDRLTERIETSLSVLTRAEQALLIQRLSKHDRESLAAALLEHH
HHHH
;
_entity_poly.pdbx_strand_id   A
#
# COMPACT_ATOMS: atom_id res chain seq x y z
N THR A 17 0.13 -12.12 -17.83
CA THR A 17 0.20 -10.67 -17.74
C THR A 17 -1.11 -10.08 -17.26
N ASN A 18 -2.22 -10.61 -17.78
CA ASN A 18 -3.52 -10.13 -17.38
C ASN A 18 -3.79 -10.45 -15.92
N LYS A 19 -3.23 -11.57 -15.47
CA LYS A 19 -3.31 -11.95 -14.07
C LYS A 19 -2.48 -10.99 -13.21
N ALA A 20 -1.39 -10.50 -13.78
CA ALA A 20 -0.48 -9.61 -13.07
C ALA A 20 -1.06 -8.20 -12.90
N LEU A 21 -1.80 -7.74 -13.92
CA LEU A 21 -2.42 -6.42 -13.87
C LEU A 21 -3.55 -6.36 -12.85
N LEU A 22 -4.30 -7.45 -12.73
CA LEU A 22 -5.32 -7.56 -11.69
C LEU A 22 -4.66 -7.42 -10.34
N ALA A 23 -3.59 -8.19 -10.13
CA ALA A 23 -2.87 -8.21 -8.88
C ALA A 23 -2.32 -6.83 -8.50
N ILE A 24 -1.89 -6.07 -9.50
CA ILE A 24 -1.33 -4.74 -9.29
C ILE A 24 -2.40 -3.76 -8.85
N SER A 25 -3.59 -3.89 -9.44
CA SER A 25 -4.72 -3.03 -9.11
C SER A 25 -5.25 -3.35 -7.72
N ALA A 26 -5.19 -4.62 -7.35
CA ALA A 26 -5.62 -5.06 -6.04
C ALA A 26 -4.69 -4.54 -4.94
N ILE A 27 -3.43 -4.28 -5.30
CA ILE A 27 -2.47 -3.73 -4.36
C ILE A 27 -2.71 -2.24 -4.09
N GLN A 28 -2.95 -1.50 -5.17
CA GLN A 28 -3.39 -0.11 -5.07
C GLN A 28 -4.63 0.00 -4.18
N GLN A 29 -5.62 -0.83 -4.45
CA GLN A 29 -6.85 -0.88 -3.64
C GLN A 29 -6.55 -1.04 -2.14
N ALA A 30 -5.75 -2.06 -1.80
CA ALA A 30 -5.45 -2.37 -0.40
C ALA A 30 -4.73 -1.23 0.32
N VAL A 31 -3.84 -0.55 -0.38
CA VAL A 31 -3.13 0.62 0.18
C VAL A 31 -4.11 1.75 0.50
N LEU A 32 -5.03 2.03 -0.42
CA LEU A 32 -6.07 3.05 -0.21
C LEU A 32 -7.00 2.66 0.93
N GLU A 33 -7.38 1.39 0.95
CA GLU A 33 -8.25 0.88 2.00
C GLU A 33 -7.62 0.96 3.40
N ALA A 34 -6.31 0.75 3.49
CA ALA A 34 -5.61 0.88 4.78
C ALA A 34 -5.62 2.33 5.25
N GLU A 35 -5.33 3.24 4.32
CA GLU A 35 -5.34 4.66 4.63
C GLU A 35 -6.73 5.16 5.02
N THR A 36 -7.72 4.88 4.18
CA THR A 36 -9.06 5.36 4.47
C THR A 36 -9.60 4.76 5.78
N SER A 37 -9.25 3.51 6.06
CA SER A 37 -9.73 2.86 7.29
C SER A 37 -9.08 3.49 8.52
N GLU A 38 -7.79 3.76 8.44
CA GLU A 38 -7.09 4.43 9.52
C GLU A 38 -7.68 5.80 9.80
N ARG A 39 -7.95 6.56 8.74
CA ARG A 39 -8.61 7.86 8.90
C ARG A 39 -9.99 7.74 9.51
N GLY A 40 -10.75 6.74 9.08
CA GLY A 40 -12.06 6.50 9.66
C GLY A 40 -12.00 6.19 11.15
N PHE A 41 -10.98 5.45 11.57
CA PHE A 41 -10.76 5.08 12.97
C PHE A 41 -10.41 6.30 13.82
N LEU A 42 -9.51 7.15 13.32
CA LEU A 42 -9.17 8.40 14.00
C LEU A 42 -10.39 9.29 14.16
N LEU A 43 -11.24 9.33 13.14
CA LEU A 43 -12.41 10.19 13.15
C LEU A 43 -13.50 9.74 14.11
N THR A 44 -13.73 8.42 14.16
CA THR A 44 -14.92 7.88 14.83
C THR A 44 -14.64 7.11 16.11
N GLY A 45 -13.45 6.54 16.23
CA GLY A 45 -13.13 5.70 17.37
C GLY A 45 -13.86 4.36 17.30
N ILE A 46 -14.46 4.06 16.16
CA ILE A 46 -15.20 2.81 15.99
C ILE A 46 -14.27 1.69 15.50
N GLU A 47 -14.14 0.64 16.32
CA GLU A 47 -13.12 -0.40 16.12
C GLU A 47 -13.24 -1.10 14.77
N THR A 48 -14.45 -1.05 14.20
CA THR A 48 -14.70 -1.62 12.89
C THR A 48 -13.77 -1.03 11.83
N TYR A 49 -13.42 0.24 11.98
CA TYR A 49 -12.52 0.89 11.03
C TYR A 49 -11.09 0.41 11.23
N ARG A 50 -10.72 0.22 12.50
CA ARG A 50 -9.44 -0.39 12.82
C ARG A 50 -9.33 -1.80 12.23
N ASP A 51 -10.38 -2.60 12.41
CA ASP A 51 -10.41 -3.94 11.81
C ASP A 51 -10.16 -3.88 10.30
N SER A 52 -10.83 -2.93 9.64
CA SER A 52 -10.63 -2.72 8.20
C SER A 52 -9.20 -2.34 7.85
N TYR A 53 -8.56 -1.51 8.68
CA TYR A 53 -7.17 -1.17 8.47
C TYR A 53 -6.33 -2.45 8.57
N ILE A 54 -6.55 -3.23 9.62
CA ILE A 54 -5.84 -4.50 9.81
C ILE A 54 -6.05 -5.44 8.62
N ARG A 55 -7.30 -5.57 8.17
CA ARG A 55 -7.61 -6.41 7.02
C ARG A 55 -6.89 -5.95 5.75
N ALA A 56 -6.94 -4.65 5.47
CA ALA A 56 -6.27 -4.12 4.30
C ALA A 56 -4.74 -4.30 4.40
N ARG A 57 -4.19 -4.05 5.58
CA ARG A 57 -2.76 -4.29 5.81
C ARG A 57 -2.38 -5.76 5.59
N ASP A 58 -3.18 -6.67 6.12
CA ASP A 58 -2.92 -8.10 5.93
C ASP A 58 -3.08 -8.50 4.45
N ALA A 59 -4.11 -7.96 3.79
CA ALA A 59 -4.38 -8.26 2.40
C ALA A 59 -3.26 -7.74 1.50
N LEU A 60 -2.76 -6.55 1.82
CA LEU A 60 -1.65 -5.97 1.09
C LEU A 60 -0.43 -6.88 1.12
N ALA A 61 -0.05 -7.30 2.33
CA ALA A 61 1.10 -8.20 2.49
C ALA A 61 0.89 -9.47 1.66
N ALA A 62 -0.28 -10.08 1.77
CA ALA A 62 -0.59 -11.30 1.02
C ALA A 62 -0.56 -11.09 -0.49
N ARG A 63 -1.11 -9.96 -0.95
CA ARG A 63 -1.12 -9.64 -2.37
C ARG A 63 0.27 -9.30 -2.91
N LEU A 64 1.09 -8.67 -2.09
CA LEU A 64 2.49 -8.42 -2.46
C LEU A 64 3.26 -9.73 -2.56
N ASP A 65 3.06 -10.64 -1.59
CA ASP A 65 3.74 -11.95 -1.60
C ASP A 65 3.40 -12.72 -2.88
N GLY A 66 2.13 -12.66 -3.28
CA GLY A 66 1.64 -13.38 -4.44
C GLY A 66 2.00 -12.76 -5.78
N LEU A 67 2.00 -11.44 -5.85
CA LEU A 67 2.44 -10.75 -7.05
C LEU A 67 3.88 -11.14 -7.31
N ARG A 68 4.66 -11.20 -6.23
CA ARG A 68 6.06 -11.55 -6.32
C ARG A 68 6.24 -12.95 -6.88
N ALA A 69 5.26 -13.82 -6.63
CA ALA A 69 5.30 -15.18 -7.14
C ALA A 69 4.97 -15.23 -8.63
N VAL A 70 4.18 -14.26 -9.11
CA VAL A 70 3.83 -14.17 -10.52
C VAL A 70 5.01 -13.65 -11.34
N LEU A 71 5.81 -12.79 -10.71
CA LEU A 71 6.90 -12.13 -11.41
C LEU A 71 8.23 -12.81 -11.15
N ALA A 72 8.17 -14.03 -10.61
CA ALA A 72 9.37 -14.75 -10.20
C ALA A 72 10.43 -14.90 -11.30
N ASP A 73 9.99 -14.95 -12.56
CA ASP A 73 10.90 -15.20 -13.68
C ASP A 73 11.22 -13.93 -14.49
N ASN A 74 11.18 -12.78 -13.83
CA ASN A 74 11.44 -11.50 -14.49
C ASN A 74 12.20 -10.56 -13.57
N PRO A 75 13.54 -10.60 -13.64
CA PRO A 75 14.42 -9.82 -12.75
C PRO A 75 14.10 -8.32 -12.70
N GLU A 76 13.73 -7.74 -13.84
CA GLU A 76 13.39 -6.31 -13.88
C GLU A 76 12.11 -6.03 -13.12
N GLN A 77 11.16 -6.96 -13.19
CA GLN A 77 9.91 -6.84 -12.46
C GLN A 77 10.09 -7.12 -10.97
N ILE A 78 10.87 -8.15 -10.66
CA ILE A 78 11.19 -8.49 -9.28
C ILE A 78 11.82 -7.29 -8.59
N ALA A 79 12.71 -6.59 -9.29
CA ALA A 79 13.35 -5.40 -8.75
C ALA A 79 12.31 -4.30 -8.50
N HIS A 80 11.41 -4.11 -9.45
CA HIS A 80 10.34 -3.11 -9.31
C HIS A 80 9.39 -3.45 -8.17
N ILE A 81 9.14 -4.74 -7.96
CA ILE A 81 8.29 -5.14 -6.86
C ILE A 81 9.02 -4.95 -5.53
N ASP A 82 10.32 -5.28 -5.51
CA ASP A 82 11.15 -5.01 -4.33
C ASP A 82 11.02 -3.55 -3.95
N GLU A 83 11.13 -2.68 -4.95
CA GLU A 83 11.04 -1.23 -4.72
C GLU A 83 9.68 -0.80 -4.19
N LEU A 84 8.60 -1.26 -4.83
CA LEU A 84 7.24 -0.99 -4.35
C LEU A 84 7.11 -1.40 -2.87
N ARG A 85 7.58 -2.61 -2.57
CA ARG A 85 7.49 -3.18 -1.23
C ARG A 85 8.18 -2.34 -0.16
N LEU A 86 9.36 -1.82 -0.50
CA LEU A 86 10.04 -0.87 0.37
C LEU A 86 9.12 0.29 0.68
N LEU A 87 8.53 0.85 -0.36
CA LEU A 87 7.67 2.02 -0.25
C LEU A 87 6.40 1.68 0.57
N THR A 88 5.80 0.53 0.30
CA THR A 88 4.59 0.14 1.04
C THR A 88 4.88 -0.20 2.50
N ASP A 89 6.05 -0.78 2.77
CA ASP A 89 6.49 -1.02 4.15
C ASP A 89 6.67 0.30 4.95
N MET A 90 7.30 1.29 4.34
CA MET A 90 7.44 2.59 5.00
C MET A 90 6.08 3.24 5.22
N ARG A 91 5.18 3.13 4.24
CA ARG A 91 3.86 3.74 4.34
C ARG A 91 3.03 3.07 5.44
N MET A 92 3.01 1.73 5.42
CA MET A 92 2.31 0.98 6.48
C MET A 92 2.83 1.30 7.88
N ALA A 93 4.14 1.51 8.02
CA ALA A 93 4.70 1.86 9.31
C ALA A 93 4.21 3.25 9.73
N GLN A 94 4.05 4.14 8.77
CA GLN A 94 3.46 5.45 9.06
C GLN A 94 2.02 5.36 9.59
N LEU A 95 1.14 4.71 8.83
CA LEU A 95 -0.26 4.53 9.22
C LEU A 95 -0.43 3.79 10.54
N GLY A 96 0.36 2.74 10.74
CA GLY A 96 0.30 1.93 11.95
C GLY A 96 0.64 2.75 13.18
N ARG A 97 1.53 3.72 13.03
CA ARG A 97 1.91 4.58 14.15
C ARG A 97 0.75 5.51 14.50
N VAL A 98 0.10 6.06 13.46
CA VAL A 98 -1.06 6.92 13.64
C VAL A 98 -2.22 6.16 14.27
N VAL A 99 -2.43 4.93 13.80
CA VAL A 99 -3.47 4.04 14.34
C VAL A 99 -3.17 3.72 15.82
N GLU A 100 -1.89 3.57 16.13
CA GLU A 100 -1.45 3.30 17.50
C GLU A 100 -1.73 4.46 18.45
N LEU A 101 -1.38 5.67 18.01
CA LEU A 101 -1.71 6.86 18.79
C LEU A 101 -3.24 6.99 18.91
N GLY A 102 -3.94 6.87 17.79
CA GLY A 102 -5.38 6.69 17.82
C GLY A 102 -6.20 7.89 18.24
N PRO A 103 -7.54 7.76 18.17
CA PRO A 103 -8.48 8.85 18.43
C PRO A 103 -8.39 9.35 19.87
N GLU A 104 -8.01 8.47 20.80
CA GLU A 104 -7.86 8.86 22.20
C GLU A 104 -6.67 9.81 22.38
N ARG A 105 -5.83 9.90 21.36
CA ARG A 105 -4.72 10.85 21.34
C ARG A 105 -4.74 11.65 20.03
N MET A 106 -5.88 12.28 19.78
CA MET A 106 -6.14 13.00 18.55
C MET A 106 -5.01 13.93 18.09
N ARG A 107 -4.59 14.83 18.97
CA ARG A 107 -3.60 15.85 18.61
C ARG A 107 -2.27 15.21 18.21
N GLU A 108 -1.86 14.20 18.97
CA GLU A 108 -0.64 13.47 18.64
C GLU A 108 -0.78 12.74 17.32
N ALA A 109 -1.91 12.05 17.16
CA ALA A 109 -2.17 11.28 15.95
C ALA A 109 -2.18 12.16 14.71
N LEU A 110 -2.72 13.37 14.85
CA LEU A 110 -2.81 14.32 13.75
C LEU A 110 -1.47 14.92 13.41
N ASP A 111 -0.69 15.22 14.44
CA ASP A 111 0.66 15.76 14.29
C ASP A 111 1.47 14.78 13.45
N ILE A 112 1.37 13.50 13.78
CA ILE A 112 2.11 12.46 13.10
C ILE A 112 1.59 12.21 11.68
N LEU A 113 0.27 12.17 11.52
CA LEU A 113 -0.33 12.06 10.18
C LEU A 113 0.15 13.17 9.26
N GLU A 114 0.26 14.38 9.79
CA GLU A 114 0.72 15.51 9.00
C GLU A 114 2.24 15.49 8.74
N GLN A 115 3.02 15.12 9.74
CA GLN A 115 4.47 14.91 9.56
C GLN A 115 4.77 13.86 8.49
N ALA A 116 3.99 12.79 8.48
CA ALA A 116 4.18 11.70 7.52
C ALA A 116 3.99 12.16 6.07
N ARG A 117 3.26 13.25 5.89
CA ARG A 117 2.95 13.81 4.58
C ARG A 117 4.19 14.22 3.77
N VAL A 118 5.23 14.66 4.46
CA VAL A 118 6.41 15.22 3.77
C VAL A 118 7.15 14.17 2.95
N ASP A 119 6.88 12.90 3.20
CA ASP A 119 7.59 11.83 2.51
C ASP A 119 6.92 11.46 1.18
N ARG A 120 5.66 11.87 1.01
CA ARG A 120 4.93 11.68 -0.24
C ARG A 120 4.89 10.21 -0.66
N LEU A 121 4.89 9.33 0.33
CA LEU A 121 4.91 7.90 0.07
C LEU A 121 3.74 7.46 -0.81
N THR A 122 2.60 8.13 -0.65
CA THR A 122 1.40 7.86 -1.44
C THR A 122 1.62 8.14 -2.94
N GLU A 123 2.13 9.32 -3.26
CA GLU A 123 2.48 9.63 -4.64
C GLU A 123 3.52 8.65 -5.16
N ARG A 124 4.52 8.36 -4.33
CA ARG A 124 5.63 7.51 -4.75
C ARG A 124 5.18 6.08 -5.02
N ILE A 125 4.26 5.60 -4.20
CA ILE A 125 3.68 4.27 -4.43
C ILE A 125 2.91 4.20 -5.74
N GLU A 126 2.08 5.21 -6.01
CA GLU A 126 1.31 5.26 -7.26
C GLU A 126 2.22 5.25 -8.48
N THR A 127 3.29 6.03 -8.40
CA THR A 127 4.33 6.00 -9.43
C THR A 127 4.94 4.59 -9.55
N SER A 128 5.20 3.98 -8.40
CA SER A 128 5.77 2.64 -8.35
C SER A 128 4.85 1.61 -8.99
N LEU A 129 3.55 1.73 -8.73
CA LEU A 129 2.57 0.83 -9.31
C LEU A 129 2.44 1.03 -10.84
N SER A 130 2.54 2.27 -11.30
CA SER A 130 2.48 2.56 -12.72
C SER A 130 3.65 1.92 -13.47
N VAL A 131 4.85 2.03 -12.92
CA VAL A 131 6.03 1.42 -13.52
C VAL A 131 5.81 -0.07 -13.77
N LEU A 132 5.25 -0.75 -12.76
CA LEU A 132 4.92 -2.16 -12.89
C LEU A 132 3.85 -2.41 -13.96
N THR A 133 2.80 -1.59 -13.94
CA THR A 133 1.69 -1.71 -14.89
C THR A 133 2.15 -1.48 -16.32
N ARG A 134 2.83 -0.36 -16.57
CA ARG A 134 3.37 -0.06 -17.89
C ARG A 134 4.31 -1.17 -18.36
N ALA A 135 5.14 -1.67 -17.46
CA ALA A 135 6.09 -2.75 -17.79
C ALA A 135 5.37 -4.02 -18.23
N GLU A 136 4.29 -4.38 -17.55
CA GLU A 136 3.52 -5.56 -17.91
C GLU A 136 2.78 -5.35 -19.23
N GLN A 137 2.29 -4.12 -19.44
CA GLN A 137 1.62 -3.77 -20.69
C GLN A 137 2.62 -3.81 -21.85
N ALA A 138 3.73 -3.11 -21.70
CA ALA A 138 4.80 -3.17 -22.69
C ALA A 138 5.21 -4.61 -22.92
N LEU A 139 5.38 -5.35 -21.83
CA LEU A 139 5.79 -6.75 -21.89
C LEU A 139 4.85 -7.61 -22.73
N LEU A 140 3.57 -7.56 -22.39
CA LEU A 140 2.55 -8.29 -23.14
C LEU A 140 2.65 -7.98 -24.63
N ILE A 141 2.67 -6.69 -24.95
CA ILE A 141 2.80 -6.25 -26.34
C ILE A 141 3.96 -6.94 -27.04
N GLN A 142 5.15 -6.83 -26.47
CA GLN A 142 6.34 -7.49 -26.99
C GLN A 142 6.07 -8.97 -27.24
N ARG A 143 5.75 -9.70 -26.17
CA ARG A 143 5.41 -11.11 -26.26
C ARG A 143 4.28 -11.34 -27.27
#